data_4ZM2
#
_entry.id   4ZM2
#
_cell.length_a   65.870
_cell.length_b   56.580
_cell.length_c   74.840
_cell.angle_alpha   90.00
_cell.angle_beta   111.47
_cell.angle_gamma   90.00
#
_symmetry.space_group_name_H-M   'P 1 21 1'
#
loop_
_entity.id
_entity.type
_entity.pdbx_description
1 polymer 'Antitoxin phd'
2 polymer "DNA (5'-D(GP*CP*TP*TP*GP*TP*GP*TP*AP*CP*AP*CP*AP*T)-3')"
3 polymer "DNA (5'-D(CP*AP*TP*GP*TP*GP*TP*AP*CP*AP*CP*AP*AP*G)-3')"
#
loop_
_entity_poly.entity_id
_entity_poly.type
_entity_poly.pdbx_seq_one_letter_code
_entity_poly.pdbx_strand_id
1 'polypeptide(L)' MQSINFRTARGNLSEVLNNVEAGEEVEITRRGREPAVIVSKATFEAYKKAALDAEFASLFDTLDSTNKELVNR A,B,C,D
2 'polydeoxyribonucleotide' (DG)(DC)(DT)(DT)(DG)(DT)(DG)(DT)(DA)(DC)(DA)(DC)(DA)(DT) E,G
3 'polydeoxyribonucleotide' (DC)(DA)(DT)(DG)(DT)(DG)(DT)(DA)(DC)(DA)(DC)(DA)(DA)(DG) F,H
#
loop_
_chem_comp.id
_chem_comp.type
_chem_comp.name
_chem_comp.formula
DA DNA linking 2'-DEOXYADENOSINE-5'-MONOPHOSPHATE 'C10 H14 N5 O6 P'
DC DNA linking 2'-DEOXYCYTIDINE-5'-MONOPHOSPHATE 'C9 H14 N3 O7 P'
DG DNA linking 2'-DEOXYGUANOSINE-5'-MONOPHOSPHATE 'C10 H14 N5 O7 P'
DT DNA linking THYMIDINE-5'-MONOPHOSPHATE 'C10 H15 N2 O8 P'
#
# COMPACT_ATOMS: atom_id res chain seq x y z
N MET A 1 -12.02 9.96 2.29
CA MET A 1 -12.54 8.97 1.36
C MET A 1 -12.28 7.55 1.87
N GLN A 2 -13.36 6.91 2.34
CA GLN A 2 -13.36 5.53 2.78
C GLN A 2 -12.99 4.66 1.57
N SER A 3 -12.30 3.57 1.84
CA SER A 3 -11.91 2.63 0.81
C SER A 3 -12.13 1.23 1.29
N ILE A 4 -13.02 0.53 0.60
CA ILE A 4 -13.48 -0.76 1.01
C ILE A 4 -13.25 -1.78 -0.12
N ASN A 5 -13.16 -3.04 0.24
CA ASN A 5 -12.99 -4.08 -0.78
C ASN A 5 -14.34 -4.50 -1.28
N PHE A 6 -14.39 -5.22 -2.38
CA PHE A 6 -15.62 -5.66 -2.98
C PHE A 6 -16.52 -6.44 -1.99
N ARG A 7 -16.00 -7.50 -1.31
CA ARG A 7 -16.74 -8.37 -0.36
C ARG A 7 -17.49 -7.54 0.68
N THR A 8 -16.78 -6.53 1.21
CA THR A 8 -17.31 -5.64 2.25
C THR A 8 -18.37 -4.74 1.66
N ALA A 9 -18.13 -4.19 0.49
CA ALA A 9 -19.09 -3.31 -0.13
C ALA A 9 -20.40 -4.03 -0.42
N ARG A 10 -20.38 -5.32 -0.87
CA ARG A 10 -21.58 -6.13 -1.24
C ARG A 10 -22.41 -6.53 0.00
N GLY A 11 -21.73 -6.77 1.11
CA GLY A 11 -22.40 -7.11 2.36
C GLY A 11 -22.88 -5.91 3.18
N ASN A 12 -22.35 -4.71 2.89
CA ASN A 12 -22.69 -3.48 3.62
C ASN A 12 -23.06 -2.32 2.68
N LEU A 13 -23.56 -2.64 1.47
CA LEU A 13 -23.95 -1.65 0.45
C LEU A 13 -24.94 -0.60 0.93
N SER A 14 -25.92 -1.00 1.77
CA SER A 14 -26.91 -0.09 2.31
C SER A 14 -26.17 0.96 3.13
N GLU A 15 -25.24 0.54 4.01
CA GLU A 15 -24.44 1.46 4.81
C GLU A 15 -23.48 2.29 3.94
N VAL A 16 -23.08 1.74 2.80
CA VAL A 16 -22.23 2.41 1.82
C VAL A 16 -23.02 3.55 1.17
N LEU A 17 -24.24 3.25 0.77
CA LEU A 17 -25.12 4.22 0.14
C LEU A 17 -25.58 5.29 1.12
N ASN A 18 -25.72 4.95 2.42
CA ASN A 18 -26.08 5.93 3.42
C ASN A 18 -24.94 6.92 3.55
N ASN A 19 -23.70 6.44 3.66
CA ASN A 19 -22.53 7.30 3.74
C ASN A 19 -22.42 8.20 2.55
N VAL A 20 -22.65 7.66 1.36
CA VAL A 20 -22.60 8.39 0.10
C VAL A 20 -23.64 9.52 0.08
N GLU A 21 -24.87 9.24 0.56
CA GLU A 21 -25.98 10.21 0.65
C GLU A 21 -25.61 11.36 1.55
N ALA A 22 -24.81 11.08 2.60
CA ALA A 22 -24.32 12.07 3.57
C ALA A 22 -23.17 12.92 2.99
N GLY A 23 -22.83 12.71 1.73
CA GLY A 23 -21.80 13.47 1.03
C GLY A 23 -20.50 12.75 0.79
N GLU A 24 -20.30 11.63 1.51
CA GLU A 24 -19.08 10.83 1.48
C GLU A 24 -18.78 10.21 0.11
N GLU A 25 -17.50 10.10 -0.23
CA GLU A 25 -17.02 9.46 -1.46
C GLU A 25 -16.41 8.12 -1.02
N VAL A 26 -16.93 7.01 -1.55
CA VAL A 26 -16.51 5.67 -1.13
C VAL A 26 -15.82 4.91 -2.26
N GLU A 27 -14.57 4.51 -2.01
CA GLU A 27 -13.79 3.80 -3.01
C GLU A 27 -13.98 2.30 -2.87
N ILE A 28 -14.29 1.63 -3.96
CA ILE A 28 -14.45 0.18 -3.97
C ILE A 28 -13.26 -0.40 -4.72
N THR A 29 -12.53 -1.32 -4.05
CA THR A 29 -11.35 -1.96 -4.60
C THR A 29 -11.47 -3.47 -4.75
N ARG A 30 -10.88 -3.95 -5.85
CA ARG A 30 -10.80 -5.37 -6.19
C ARG A 30 -9.34 -5.73 -6.50
N ARG A 31 -8.90 -6.94 -6.12
CA ARG A 31 -7.54 -7.38 -6.35
C ARG A 31 -7.20 -7.49 -7.83
N GLY A 32 -6.19 -6.74 -8.22
CA GLY A 32 -5.71 -6.69 -9.61
C GLY A 32 -6.57 -5.87 -10.53
N ARG A 33 -7.56 -5.17 -9.98
CA ARG A 33 -8.49 -4.35 -10.74
C ARG A 33 -8.45 -2.90 -10.32
N GLU A 34 -8.73 -1.98 -11.27
CA GLU A 34 -8.78 -0.55 -11.04
C GLU A 34 -9.89 -0.23 -10.00
N PRO A 35 -9.70 0.76 -9.13
CA PRO A 35 -10.76 1.08 -8.17
C PRO A 35 -11.90 1.88 -8.81
N ALA A 36 -13.09 1.74 -8.23
CA ALA A 36 -14.33 2.46 -8.60
C ALA A 36 -14.69 3.38 -7.41
N VAL A 37 -15.33 4.52 -7.68
CA VAL A 37 -15.74 5.47 -6.65
C VAL A 37 -17.26 5.63 -6.73
N ILE A 38 -17.96 5.45 -5.59
CA ILE A 38 -19.39 5.69 -5.51
C ILE A 38 -19.59 7.05 -4.87
N VAL A 39 -20.25 7.97 -5.61
CA VAL A 39 -20.51 9.34 -5.17
C VAL A 39 -21.95 9.76 -5.46
N SER A 40 -22.49 10.68 -4.66
CA SER A 40 -23.87 11.13 -4.83
C SER A 40 -24.07 11.69 -6.23
N LYS A 41 -25.22 11.41 -6.83
CA LYS A 41 -25.46 11.83 -8.20
C LYS A 41 -25.33 13.32 -8.35
N ALA A 42 -25.91 14.06 -7.41
CA ALA A 42 -25.84 15.52 -7.38
C ALA A 42 -24.40 16.03 -7.43
N THR A 43 -23.50 15.49 -6.56
CA THR A 43 -22.09 15.85 -6.52
C THR A 43 -21.44 15.55 -7.84
N PHE A 44 -21.63 14.34 -8.34
CA PHE A 44 -21.09 13.91 -9.62
C PHE A 44 -21.49 14.86 -10.73
N GLU A 45 -22.80 15.14 -10.83
CA GLU A 45 -23.36 16.02 -11.86
C GLU A 45 -22.80 17.41 -11.78
N ALA A 46 -22.58 17.92 -10.55
CA ALA A 46 -21.99 19.24 -10.33
C ALA A 46 -20.55 19.29 -10.81
N TYR A 47 -19.77 18.20 -10.57
CA TYR A 47 -18.38 18.12 -10.99
C TYR A 47 -18.25 18.14 -12.50
N LYS A 48 -19.04 17.32 -13.17
CA LYS A 48 -19.06 17.19 -14.63
C LYS A 48 -19.50 18.50 -15.26
N LYS A 49 -20.53 19.12 -14.67
CA LYS A 49 -21.07 20.40 -15.11
C LYS A 49 -19.99 21.45 -15.11
N ALA A 50 -19.27 21.57 -13.99
CA ALA A 50 -18.19 22.52 -13.79
C ALA A 50 -17.03 22.24 -14.74
N ALA A 51 -16.82 20.96 -15.06
CA ALA A 51 -15.76 20.50 -15.98
C ALA A 51 -16.11 20.94 -17.40
N LEU A 52 -17.37 20.71 -17.81
CA LEU A 52 -17.88 21.05 -19.13
C LEU A 52 -17.88 22.54 -19.37
N MET B 1 -25.57 6.80 -19.54
CA MET B 1 -25.57 6.44 -18.13
C MET B 1 -26.73 5.49 -17.81
N GLN B 2 -26.36 4.25 -17.53
CA GLN B 2 -27.29 3.20 -17.17
C GLN B 2 -27.78 3.52 -15.77
N SER B 3 -29.01 3.12 -15.45
CA SER B 3 -29.54 3.39 -14.12
C SER B 3 -30.24 2.15 -13.57
N ILE B 4 -29.85 1.72 -12.38
CA ILE B 4 -30.39 0.51 -11.77
C ILE B 4 -30.88 0.80 -10.39
N ASN B 5 -31.69 -0.14 -9.89
CA ASN B 5 -32.19 -0.09 -8.54
C ASN B 5 -31.19 -0.74 -7.63
N PHE B 6 -31.36 -0.58 -6.32
CA PHE B 6 -30.43 -1.15 -5.33
C PHE B 6 -30.33 -2.69 -5.34
N ARG B 7 -31.46 -3.38 -5.43
CA ARG B 7 -31.47 -4.85 -5.49
C ARG B 7 -30.64 -5.40 -6.63
N THR B 8 -30.71 -4.76 -7.83
CA THR B 8 -29.95 -5.15 -9.02
C THR B 8 -28.45 -4.93 -8.78
N ALA B 9 -28.08 -3.72 -8.28
CA ALA B 9 -26.69 -3.40 -7.98
C ALA B 9 -26.03 -4.40 -7.05
N ARG B 10 -26.63 -4.70 -5.90
CA ARG B 10 -26.05 -5.65 -4.94
C ARG B 10 -25.92 -7.09 -5.45
N GLY B 11 -26.95 -7.57 -6.14
CA GLY B 11 -26.95 -8.91 -6.69
C GLY B 11 -25.99 -9.10 -7.82
N ASN B 12 -25.68 -8.01 -8.58
CA ASN B 12 -24.80 -8.05 -9.77
C ASN B 12 -23.63 -7.07 -9.72
N LEU B 13 -23.16 -6.71 -8.49
CA LEU B 13 -22.08 -5.74 -8.26
C LEU B 13 -20.82 -6.03 -9.04
N SER B 14 -20.44 -7.30 -9.18
CA SER B 14 -19.26 -7.68 -9.93
C SER B 14 -19.44 -7.26 -11.39
N GLU B 15 -20.63 -7.52 -11.93
CA GLU B 15 -21.02 -7.18 -13.30
C GLU B 15 -21.07 -5.68 -13.53
N VAL B 16 -21.50 -4.94 -12.50
CA VAL B 16 -21.58 -3.48 -12.53
C VAL B 16 -20.14 -2.94 -12.56
N LEU B 17 -19.31 -3.40 -11.61
CA LEU B 17 -17.92 -2.93 -11.52
C LEU B 17 -17.13 -3.22 -12.81
N ASN B 18 -17.48 -4.31 -13.54
CA ASN B 18 -16.85 -4.61 -14.81
C ASN B 18 -17.25 -3.55 -15.82
N ASN B 19 -18.54 -3.18 -15.87
CA ASN B 19 -19.01 -2.15 -16.79
C ASN B 19 -18.37 -0.82 -16.46
N VAL B 20 -18.22 -0.50 -15.18
CA VAL B 20 -17.60 0.72 -14.69
C VAL B 20 -16.14 0.83 -15.15
N GLU B 21 -15.39 -0.31 -15.09
CA GLU B 21 -13.97 -0.43 -15.49
C GLU B 21 -13.86 -0.14 -17.00
N ALA B 22 -14.88 -0.55 -17.79
CA ALA B 22 -14.97 -0.33 -19.24
C ALA B 22 -15.32 1.12 -19.61
N GLY B 23 -15.41 1.98 -18.59
CA GLY B 23 -15.67 3.40 -18.71
C GLY B 23 -17.08 3.87 -18.44
N GLU B 24 -18.04 2.90 -18.28
CA GLU B 24 -19.47 3.17 -18.04
C GLU B 24 -19.76 3.85 -16.73
N GLU B 25 -20.81 4.72 -16.70
CA GLU B 25 -21.25 5.44 -15.47
C GLU B 25 -22.56 4.82 -15.07
N VAL B 26 -22.66 4.23 -13.87
CA VAL B 26 -23.85 3.49 -13.45
C VAL B 26 -24.57 4.18 -12.27
N GLU B 27 -25.84 4.52 -12.46
CA GLU B 27 -26.63 5.18 -11.41
C GLU B 27 -27.36 4.17 -10.57
N ILE B 28 -27.25 4.29 -9.27
CA ILE B 28 -27.95 3.40 -8.37
C ILE B 28 -29.02 4.18 -7.65
N THR B 29 -30.26 3.67 -7.70
CA THR B 29 -31.42 4.28 -7.04
C THR B 29 -32.11 3.34 -6.04
N ARG B 30 -32.26 3.75 -4.77
CA ARG B 30 -33.00 2.98 -3.77
C ARG B 30 -34.35 3.65 -3.89
N ARG B 31 -35.45 2.90 -3.75
CA ARG B 31 -36.80 3.48 -3.90
C ARG B 31 -37.00 4.79 -3.07
N GLY B 32 -37.42 5.86 -3.77
CA GLY B 32 -37.67 7.19 -3.20
C GLY B 32 -36.48 7.94 -2.60
N ARG B 33 -35.29 7.33 -2.57
CA ARG B 33 -34.08 7.95 -2.00
C ARG B 33 -33.21 8.58 -3.07
N GLU B 34 -32.28 9.48 -2.67
CA GLU B 34 -31.37 10.14 -3.60
C GLU B 34 -30.41 9.17 -4.31
N PRO B 35 -30.22 9.36 -5.63
CA PRO B 35 -29.33 8.45 -6.35
C PRO B 35 -27.83 8.67 -6.05
N ALA B 36 -27.07 7.59 -6.25
CA ALA B 36 -25.61 7.49 -6.17
C ALA B 36 -25.12 7.06 -7.58
N VAL B 37 -23.90 7.49 -7.96
CA VAL B 37 -23.29 7.15 -9.25
C VAL B 37 -21.98 6.37 -9.04
N ILE B 38 -21.84 5.16 -9.64
CA ILE B 38 -20.60 4.40 -9.59
C ILE B 38 -19.80 4.72 -10.87
N VAL B 39 -18.60 5.29 -10.71
CA VAL B 39 -17.71 5.69 -11.83
C VAL B 39 -16.26 5.31 -11.57
N SER B 40 -15.49 5.07 -12.66
CA SER B 40 -14.09 4.66 -12.48
C SER B 40 -13.32 5.73 -11.73
N LYS B 41 -12.47 5.33 -10.77
CA LYS B 41 -11.70 6.28 -9.97
C LYS B 41 -11.02 7.31 -10.83
N ALA B 42 -10.30 6.86 -11.87
CA ALA B 42 -9.57 7.69 -12.82
C ALA B 42 -10.45 8.80 -13.40
N THR B 43 -11.66 8.44 -13.89
CA THR B 43 -12.65 9.37 -14.45
C THR B 43 -13.08 10.36 -13.39
N PHE B 44 -13.44 9.87 -12.23
CA PHE B 44 -13.84 10.71 -11.11
C PHE B 44 -12.76 11.73 -10.77
N GLU B 45 -11.51 11.26 -10.58
CA GLU B 45 -10.39 12.11 -10.26
C GLU B 45 -10.10 13.17 -11.32
N ALA B 46 -10.31 12.81 -12.57
CA ALA B 46 -10.14 13.74 -13.67
C ALA B 46 -11.22 14.83 -13.64
N TYR B 47 -12.46 14.45 -13.27
CA TYR B 47 -13.59 15.38 -13.21
C TYR B 47 -13.42 16.41 -12.10
N LYS B 48 -12.99 15.95 -10.92
CA LYS B 48 -12.70 16.76 -9.73
C LYS B 48 -11.58 17.76 -10.00
N LYS B 49 -10.48 17.31 -10.62
CA LYS B 49 -9.35 18.14 -10.98
C LYS B 49 -9.82 19.27 -11.91
N ALA B 50 -10.52 18.92 -13.02
CA ALA B 50 -11.08 19.88 -13.97
C ALA B 50 -12.05 20.85 -13.30
N ALA B 51 -12.75 20.39 -12.23
CA ALA B 51 -13.67 21.21 -11.44
C ALA B 51 -12.89 22.20 -10.61
N LEU B 52 -11.77 21.74 -10.02
CA LEU B 52 -10.93 22.59 -9.18
C LEU B 52 -10.16 23.63 -10.00
N ASP B 53 -9.74 23.29 -11.24
CA ASP B 53 -9.04 24.23 -12.15
C ASP B 53 -9.95 25.38 -12.59
N ALA B 54 -11.25 25.09 -12.81
CA ALA B 54 -12.28 26.04 -13.22
C ALA B 54 -12.39 27.21 -12.21
N GLU B 55 -12.64 26.90 -10.93
CA GLU B 55 -12.72 27.91 -9.88
C GLU B 55 -11.34 27.97 -9.19
N PHE B 56 -10.40 28.71 -9.80
CA PHE B 56 -9.06 28.88 -9.24
C PHE B 56 -8.57 30.32 -9.38
N ALA B 57 -8.26 30.74 -10.62
CA ALA B 57 -7.78 32.08 -10.98
C ALA B 57 -8.77 33.19 -10.59
N SER B 58 -10.08 32.96 -10.85
CA SER B 58 -11.18 33.87 -10.53
C SER B 58 -11.20 34.29 -9.06
N LEU B 59 -11.02 33.31 -8.19
CA LEU B 59 -10.95 33.56 -6.79
C LEU B 59 -9.70 34.39 -6.66
N PHE B 60 -9.74 35.46 -5.86
CA PHE B 60 -10.94 35.87 -5.12
C PHE B 60 -11.76 36.95 -5.82
N ASP B 61 -11.09 37.92 -6.41
CA ASP B 61 -11.76 39.01 -7.09
C ASP B 61 -10.78 39.83 -7.92
N MET C 1 16.66 -0.06 -2.68
CA MET C 1 16.35 -1.04 -1.66
C MET C 1 15.18 -1.93 -2.06
N GLN C 2 15.52 -3.17 -2.49
CA GLN C 2 14.50 -4.14 -2.85
C GLN C 2 13.85 -4.58 -1.58
N SER C 3 12.63 -4.94 -1.72
CA SER C 3 11.84 -5.37 -0.60
C SER C 3 11.16 -6.66 -0.98
N ILE C 4 11.48 -7.72 -0.25
CA ILE C 4 10.90 -9.04 -0.51
C ILE C 4 10.17 -9.59 0.71
N ASN C 5 9.33 -10.60 0.47
CA ASN C 5 8.60 -11.25 1.55
C ASN C 5 9.47 -12.30 2.15
N PHE C 6 9.06 -12.80 3.31
CA PHE C 6 9.79 -13.84 4.00
C PHE C 6 10.01 -15.12 3.10
N ARG C 7 8.92 -15.69 2.46
CA ARG C 7 8.95 -16.90 1.63
C ARG C 7 10.02 -16.81 0.55
N THR C 8 10.10 -15.64 -0.12
CA THR C 8 11.09 -15.39 -1.18
C THR C 8 12.50 -15.33 -0.62
N ALA C 9 12.67 -14.64 0.49
CA ALA C 9 13.97 -14.52 1.12
C ALA C 9 14.51 -15.89 1.49
N ARG C 10 13.67 -16.85 2.06
CA ARG C 10 14.05 -18.22 2.52
C ARG C 10 14.44 -19.14 1.37
N GLY C 11 13.79 -18.97 0.23
CA GLY C 11 14.08 -19.77 -0.95
C GLY C 11 15.29 -19.27 -1.70
N ASN C 12 15.57 -17.94 -1.63
CA ASN C 12 16.66 -17.28 -2.37
C ASN C 12 17.68 -16.54 -1.48
N LEU C 13 17.84 -16.96 -0.20
CA LEU C 13 18.76 -16.31 0.77
C LEU C 13 20.20 -16.17 0.26
N SER C 14 20.71 -17.20 -0.45
CA SER C 14 22.04 -17.17 -1.03
C SER C 14 22.12 -15.99 -1.98
N GLU C 15 21.11 -15.82 -2.85
CA GLU C 15 21.20 -14.65 -3.73
C GLU C 15 21.03 -13.35 -2.93
N VAL C 16 20.20 -13.39 -1.89
CA VAL C 16 19.95 -12.26 -1.01
C VAL C 16 21.29 -11.78 -0.45
N LEU C 17 22.06 -12.72 0.07
CA LEU C 17 23.35 -12.43 0.64
C LEU C 17 24.36 -12.00 -0.41
N ASN C 18 24.24 -12.48 -1.68
CA ASN C 18 25.12 -12.06 -2.75
C ASN C 18 24.86 -10.59 -3.04
N ASN C 19 23.58 -10.18 -3.15
CA ASN C 19 23.22 -8.79 -3.40
C ASN C 19 23.69 -7.90 -2.29
N VAL C 20 23.56 -8.38 -1.04
CA VAL C 20 23.99 -7.65 0.15
C VAL C 20 25.51 -7.39 0.13
N GLU C 21 26.30 -8.42 -0.31
CA GLU C 21 27.77 -8.35 -0.44
C GLU C 21 28.17 -7.29 -1.47
N ALA C 22 27.33 -7.13 -2.53
CA ALA C 22 27.50 -6.16 -3.61
C ALA C 22 27.18 -4.72 -3.17
N GLY C 23 26.80 -4.57 -1.91
CA GLY C 23 26.49 -3.29 -1.27
C GLY C 23 25.01 -3.01 -1.07
N GLU C 24 24.14 -3.82 -1.70
CA GLU C 24 22.68 -3.67 -1.65
C GLU C 24 22.09 -3.85 -0.26
N GLU C 25 20.98 -3.11 0.00
CA GLU C 25 20.21 -3.16 1.24
C GLU C 25 18.89 -3.86 0.88
N VAL C 26 18.60 -5.00 1.50
CA VAL C 26 17.42 -5.82 1.17
C VAL C 26 16.39 -5.84 2.33
N GLU C 27 15.17 -5.38 2.07
CA GLU C 27 14.15 -5.34 3.11
C GLU C 27 13.36 -6.66 3.11
N ILE C 28 13.19 -7.26 4.26
CA ILE C 28 12.41 -8.49 4.36
C ILE C 28 11.14 -8.15 5.13
N THR C 29 9.98 -8.50 4.54
CA THR C 29 8.63 -8.24 5.08
C THR C 29 7.85 -9.47 5.32
N ARG C 30 7.22 -9.49 6.47
CA ARG C 30 6.36 -10.56 6.85
C ARG C 30 5.00 -9.97 7.16
N ARG C 31 3.97 -10.78 6.93
CA ARG C 31 2.56 -10.48 7.15
C ARG C 31 2.31 -10.02 8.59
N GLY C 32 1.93 -8.75 8.74
CA GLY C 32 1.62 -8.13 10.02
C GLY C 32 2.75 -7.89 11.00
N ARG C 33 4.00 -8.02 10.56
CA ARG C 33 5.12 -7.74 11.47
C ARG C 33 5.90 -6.61 10.90
N GLU C 34 6.85 -6.15 11.71
CA GLU C 34 7.72 -5.07 11.32
C GLU C 34 8.75 -5.55 10.27
N PRO C 35 9.10 -4.72 9.27
CA PRO C 35 10.13 -5.14 8.33
C PRO C 35 11.54 -5.06 8.96
N ALA C 36 12.41 -5.96 8.46
CA ALA C 36 13.83 -6.15 8.80
C ALA C 36 14.66 -5.82 7.56
N VAL C 37 15.90 -5.32 7.76
CA VAL C 37 16.80 -4.96 6.65
C VAL C 37 18.08 -5.78 6.76
N ILE C 38 18.47 -6.46 5.68
CA ILE C 38 19.73 -7.16 5.66
C ILE C 38 20.75 -6.28 4.92
N VAL C 39 21.84 -5.90 5.64
CA VAL C 39 22.92 -5.05 5.15
C VAL C 39 24.29 -5.61 5.54
N SER C 40 25.31 -5.36 4.73
CA SER C 40 26.65 -5.87 5.00
C SER C 40 27.13 -5.35 6.34
N LYS C 41 27.79 -6.22 7.10
CA LYS C 41 28.27 -5.83 8.42
C LYS C 41 29.11 -4.59 8.39
N ALA C 42 30.06 -4.54 7.45
CA ALA C 42 30.95 -3.40 7.25
C ALA C 42 30.17 -2.09 7.11
N THR C 43 29.16 -2.06 6.21
CA THR C 43 28.31 -0.90 5.97
C THR C 43 27.61 -0.52 7.24
N PHE C 44 26.96 -1.48 7.88
CA PHE C 44 26.24 -1.25 9.10
C PHE C 44 27.15 -0.61 10.16
N GLU C 45 28.32 -1.22 10.39
CA GLU C 45 29.27 -0.76 11.39
C GLU C 45 29.78 0.61 11.08
N ALA C 46 29.98 0.94 9.79
CA ALA C 46 30.42 2.27 9.36
C ALA C 46 29.35 3.31 9.67
N TYR C 47 28.05 2.98 9.46
CA TYR C 47 26.93 3.91 9.73
C TYR C 47 26.85 4.26 11.22
N LYS C 48 26.87 3.23 12.07
CA LYS C 48 26.79 3.32 13.52
C LYS C 48 27.95 4.13 14.05
N LYS C 49 29.16 3.85 13.52
CA LYS C 49 30.41 4.52 13.86
C LYS C 49 30.30 6.01 13.61
N ALA C 50 29.87 6.38 12.41
CA ALA C 50 29.71 7.76 11.98
C ALA C 50 28.66 8.46 12.80
N ALA C 51 27.60 7.72 13.17
CA ALA C 51 26.50 8.21 14.00
C ALA C 51 26.98 8.54 15.42
N LEU C 52 27.74 7.62 16.01
CA LEU C 52 28.27 7.75 17.35
C LEU C 52 29.17 8.97 17.57
N ASP C 53 29.56 9.72 16.52
CA ASP C 53 30.39 10.89 16.73
C ASP C 53 29.55 12.15 16.94
N ALA C 54 29.43 12.59 18.20
CA ALA C 54 28.68 13.78 18.64
C ALA C 54 29.61 14.78 19.32
N GLU C 55 29.47 16.06 18.97
CA GLU C 55 30.25 17.16 19.51
C GLU C 55 29.50 17.84 20.65
N MET D 1 26.90 -9.40 20.41
CA MET D 1 26.35 -9.64 19.07
C MET D 1 26.22 -11.13 18.72
N GLN D 2 24.98 -11.59 18.47
CA GLN D 2 24.72 -12.97 18.05
C GLN D 2 25.27 -13.12 16.62
N SER D 3 25.89 -14.26 16.32
CA SER D 3 26.49 -14.51 15.03
C SER D 3 26.27 -15.96 14.63
N ILE D 4 25.64 -16.17 13.49
CA ILE D 4 25.32 -17.49 12.98
C ILE D 4 25.89 -17.69 11.60
N ASN D 5 25.95 -18.98 11.22
CA ASN D 5 26.39 -19.39 9.90
C ASN D 5 25.19 -19.35 9.00
N PHE D 6 25.46 -19.46 7.73
CA PHE D 6 24.39 -19.42 6.75
C PHE D 6 23.42 -20.56 6.97
N ARG D 7 23.87 -21.80 7.17
CA ARG D 7 22.92 -22.91 7.30
C ARG D 7 21.90 -22.70 8.42
N THR D 8 22.33 -22.21 9.58
CA THR D 8 21.41 -21.90 10.66
C THR D 8 20.40 -20.81 10.29
N ALA D 9 20.84 -19.73 9.62
CA ALA D 9 20.00 -18.61 9.21
C ALA D 9 18.85 -19.04 8.33
N ARG D 10 19.13 -19.84 7.31
CA ARG D 10 18.11 -20.34 6.41
C ARG D 10 17.08 -21.27 7.05
N GLY D 11 17.53 -22.14 7.95
CA GLY D 11 16.65 -23.10 8.60
C GLY D 11 15.81 -22.53 9.73
N ASN D 12 16.29 -21.45 10.36
CA ASN D 12 15.65 -20.77 11.49
C ASN D 12 15.40 -19.25 11.26
N LEU D 13 15.23 -18.83 10.02
CA LEU D 13 15.05 -17.40 9.74
C LEU D 13 13.86 -16.82 10.48
N SER D 14 12.76 -17.55 10.56
CA SER D 14 11.58 -17.06 11.28
C SER D 14 12.01 -16.65 12.70
N GLU D 15 12.78 -17.52 13.40
CA GLU D 15 13.34 -17.19 14.71
C GLU D 15 14.23 -15.96 14.57
N VAL D 16 15.07 -15.93 13.52
CA VAL D 16 16.03 -14.87 13.26
C VAL D 16 15.30 -13.52 13.20
N LEU D 17 14.26 -13.48 12.41
CA LEU D 17 13.48 -12.28 12.25
C LEU D 17 12.70 -11.89 13.51
N ASN D 18 12.32 -12.88 14.34
CA ASN D 18 11.64 -12.61 15.60
C ASN D 18 12.61 -11.93 16.52
N ASN D 19 13.87 -12.44 16.60
CA ASN D 19 14.88 -11.81 17.43
C ASN D 19 15.18 -10.41 16.99
N VAL D 20 15.23 -10.19 15.68
CA VAL D 20 15.48 -8.88 15.07
C VAL D 20 14.38 -7.86 15.46
N GLU D 21 13.09 -8.30 15.44
CA GLU D 21 11.88 -7.53 15.83
C GLU D 21 12.01 -7.11 17.31
N ALA D 22 12.57 -7.99 18.15
CA ALA D 22 12.80 -7.72 19.58
C ALA D 22 13.99 -6.76 19.84
N GLY D 23 14.58 -6.25 18.75
CA GLY D 23 15.65 -5.27 18.77
C GLY D 23 17.05 -5.80 18.54
N GLU D 24 17.20 -7.14 18.52
CA GLU D 24 18.49 -7.82 18.34
C GLU D 24 19.12 -7.58 16.96
N GLU D 25 20.48 -7.59 16.88
CA GLU D 25 21.24 -7.44 15.65
C GLU D 25 21.87 -8.83 15.43
N VAL D 26 21.55 -9.50 14.32
CA VAL D 26 22.01 -10.87 14.03
C VAL D 26 23.00 -10.94 12.86
N GLU D 27 24.22 -11.42 13.13
CA GLU D 27 25.25 -11.53 12.08
C GLU D 27 25.17 -12.86 11.36
N ILE D 28 25.15 -12.82 10.04
CA ILE D 28 25.14 -14.04 9.27
C ILE D 28 26.46 -14.15 8.52
N THR D 29 27.12 -15.29 8.65
CA THR D 29 28.40 -15.56 7.97
C THR D 29 28.37 -16.84 7.10
N ARG D 30 28.71 -16.78 5.80
CA ARG D 30 28.80 -18.02 5.00
C ARG D 30 30.22 -18.54 5.23
N ARG D 31 30.55 -19.78 4.79
CA ARG D 31 31.85 -20.47 4.85
C ARG D 31 33.09 -19.53 4.65
N GLY D 32 33.13 -18.79 3.57
CA GLY D 32 34.26 -17.97 3.25
C GLY D 32 33.95 -16.55 2.89
N ARG D 33 32.67 -16.16 2.91
CA ARG D 33 32.21 -14.85 2.52
C ARG D 33 31.94 -13.86 3.65
N GLU D 34 32.09 -12.53 3.35
CA GLU D 34 31.93 -11.34 4.22
C GLU D 34 30.60 -11.35 4.92
N PRO D 35 30.58 -10.98 6.21
CA PRO D 35 29.34 -11.06 6.96
C PRO D 35 28.33 -9.99 6.60
N ALA D 36 27.03 -10.37 6.79
CA ALA D 36 25.82 -9.58 6.66
C ALA D 36 25.16 -9.49 8.03
N VAL D 37 24.54 -8.36 8.32
CA VAL D 37 23.86 -8.12 9.60
C VAL D 37 22.38 -7.87 9.32
N ILE D 38 21.51 -8.56 10.04
CA ILE D 38 20.08 -8.36 9.92
C ILE D 38 19.68 -7.49 11.11
N VAL D 39 19.09 -6.32 10.81
CA VAL D 39 18.67 -5.35 11.82
C VAL D 39 17.34 -4.73 11.49
N SER D 40 16.56 -4.35 12.55
CA SER D 40 15.22 -3.76 12.37
C SER D 40 15.31 -2.54 11.44
N LYS D 41 14.35 -2.41 10.51
CA LYS D 41 14.35 -1.31 9.54
C LYS D 41 14.48 0.03 10.23
N ALA D 42 13.68 0.24 11.29
CA ALA D 42 13.68 1.48 12.04
C ALA D 42 15.07 1.86 12.52
N THR D 43 15.78 0.89 13.13
CA THR D 43 17.14 1.07 13.65
C THR D 43 18.09 1.42 12.53
N PHE D 44 18.05 0.62 11.46
CA PHE D 44 18.86 0.83 10.26
C PHE D 44 18.64 2.24 9.70
N GLU D 45 17.37 2.65 9.49
CA GLU D 45 17.03 3.96 8.97
C GLU D 45 17.52 5.10 9.84
N ALA D 46 17.44 4.91 11.15
CA ALA D 46 17.92 5.92 12.11
C ALA D 46 19.45 6.07 12.02
N TYR D 47 20.16 4.94 11.85
CA TYR D 47 21.62 4.92 11.76
C TYR D 47 22.13 5.58 10.47
N LYS D 48 21.49 5.26 9.33
CA LYS D 48 21.81 5.81 8.03
C LYS D 48 21.59 7.30 8.03
N LYS D 49 20.44 7.72 8.58
CA LYS D 49 20.04 9.11 8.70
C LYS D 49 21.12 9.91 9.38
N ALA D 50 21.53 9.45 10.58
CA ALA D 50 22.56 10.05 11.42
C ALA D 50 23.92 10.05 10.71
N ALA D 51 24.21 8.96 9.93
CA ALA D 51 25.45 8.82 9.13
C ALA D 51 25.52 9.89 8.05
N LEU D 52 24.37 10.26 7.47
CA LEU D 52 24.30 11.35 6.51
C LEU D 52 24.82 12.61 7.20
N ASP D 53 25.88 13.18 6.63
CA ASP D 53 26.60 14.33 7.15
C ASP D 53 26.71 15.40 6.07
#